data_7S9I
#
_entry.id   7S9I
#
_cell.length_a   68.315
_cell.length_b   91.151
_cell.length_c   99.586
_cell.angle_alpha   90.000
_cell.angle_beta   90.000
_cell.angle_gamma   90.000
#
_symmetry.space_group_name_H-M   'I 2 2 2'
#
loop_
_entity.id
_entity.type
_entity.pdbx_description
1 polymer 'Heat shock protein HSP 90-alpha'
2 non-polymer '5-{2-amino-4-chloro-7-[(4-methoxy-3,5-dimethylpyridin-2-yl)methyl]-7H-pyrrolo[2,3-d]pyrimidin-5-yl}-2-methylpent-4-yn-2 -ol'
3 water water
#
_entity_poly.entity_id   1
_entity_poly.type   'polypeptide(L)'
_entity_poly.pdbx_seq_one_letter_code
;HMPEETQTQDQPMEEEEVETFAFQAEIAQLMSLIINTFYSNKEIFLRELISNSSDALDKIRYESLTDPSKLDSGKELHIN
LIPNKQDRTLTIVDTGIGMTKADLINNLGTIAKSGTKAFMEALQAGADISMIGQFGVGFYSAYLVAEKVTVITKHNDDEQ
YAWESSAGGSFTVRTDTGEPMGRGTKVILHLKEDQTEYLEERRIKEIVKKHSQFIGYPITLFVEKERDKEVSDDEAE
;
_entity_poly.pdbx_strand_id   A
#
loop_
_chem_comp.id
_chem_comp.type
_chem_comp.name
_chem_comp.formula
7PP non-polymer '5-{2-amino-4-chloro-7-[(4-methoxy-3,5-dimethylpyridin-2-yl)methyl]-7H-pyrrolo[2,3-d]pyrimidin-5-yl}-2-methylpent-4-yn-2 -ol' 'C21 H24 Cl N5 O2'
#
# COMPACT_ATOMS: atom_id res chain seq x y z
N GLU A 17 3.74 2.62 -23.42
CA GLU A 17 2.58 1.75 -23.55
C GLU A 17 2.17 1.23 -22.19
N VAL A 18 0.90 0.89 -22.06
CA VAL A 18 0.33 0.38 -20.83
C VAL A 18 0.09 -1.10 -21.02
N GLU A 19 0.45 -1.89 -20.02
N GLU A 19 0.44 -1.89 -20.02
CA GLU A 19 0.17 -3.33 -20.02
CA GLU A 19 0.17 -3.32 -20.00
C GLU A 19 -0.90 -3.62 -18.97
C GLU A 19 -0.90 -3.62 -18.97
N THR A 20 -1.89 -4.42 -19.34
CA THR A 20 -3.00 -4.76 -18.46
C THR A 20 -2.91 -6.23 -18.06
N PHE A 21 -3.05 -6.51 -16.77
CA PHE A 21 -2.91 -7.86 -16.23
C PHE A 21 -4.11 -8.25 -15.38
N ALA A 22 -4.42 -9.55 -15.35
CA ALA A 22 -5.40 -10.06 -14.40
C ALA A 22 -4.74 -10.34 -13.05
N PHE A 23 -5.44 -9.97 -11.98
CA PHE A 23 -5.01 -10.37 -10.65
C PHE A 23 -5.09 -11.90 -10.50
N GLN A 24 -4.21 -12.46 -9.68
CA GLN A 24 -4.42 -13.82 -9.19
C GLN A 24 -5.80 -13.96 -8.59
N ALA A 25 -6.44 -15.09 -8.87
CA ALA A 25 -7.85 -15.26 -8.53
C ALA A 25 -8.11 -14.97 -7.06
N GLU A 26 -7.22 -15.41 -6.18
CA GLU A 26 -7.47 -15.23 -4.74
C GLU A 26 -7.39 -13.76 -4.34
N ILE A 27 -6.49 -13.00 -4.97
CA ILE A 27 -6.40 -11.58 -4.65
C ILE A 27 -7.61 -10.85 -5.17
N ALA A 28 -8.11 -11.24 -6.35
CA ALA A 28 -9.35 -10.65 -6.84
C ALA A 28 -10.49 -10.90 -5.88
N GLN A 29 -10.58 -12.11 -5.31
CA GLN A 29 -11.65 -12.38 -4.36
CA GLN A 29 -11.65 -12.38 -4.36
C GLN A 29 -11.46 -11.57 -3.09
N LEU A 30 -10.21 -11.40 -2.66
CA LEU A 30 -9.96 -10.62 -1.44
C LEU A 30 -10.38 -9.17 -1.64
N MET A 31 -10.01 -8.59 -2.78
CA MET A 31 -10.41 -7.22 -3.07
C MET A 31 -11.92 -7.04 -3.12
N SER A 32 -12.64 -8.01 -3.69
CA SER A 32 -14.09 -7.91 -3.73
C SER A 32 -14.68 -7.96 -2.32
N LEU A 33 -14.12 -8.82 -1.47
CA LEU A 33 -14.56 -8.91 -0.08
C LEU A 33 -14.37 -7.59 0.66
N ILE A 34 -13.22 -6.94 0.45
CA ILE A 34 -12.92 -5.71 1.16
C ILE A 34 -13.83 -4.58 0.70
N ILE A 35 -14.22 -4.60 -0.57
CA ILE A 35 -14.97 -3.50 -1.12
C ILE A 35 -16.43 -3.57 -0.71
N ASN A 36 -16.97 -4.77 -0.57
CA ASN A 36 -18.41 -4.95 -0.40
C ASN A 36 -18.80 -5.36 1.01
N THR A 37 -17.85 -5.61 1.90
CA THR A 37 -18.20 -5.91 3.29
C THR A 37 -18.47 -4.62 4.06
N PHE A 38 -19.46 -4.68 4.94
CA PHE A 38 -19.75 -3.55 5.81
C PHE A 38 -18.80 -3.62 6.99
N TYR A 39 -17.93 -2.61 7.11
CA TYR A 39 -16.88 -2.62 8.12
C TYR A 39 -16.57 -1.15 8.42
N SER A 40 -16.91 -0.69 9.63
CA SER A 40 -16.83 0.73 9.94
C SER A 40 -15.45 1.20 10.38
N ASN A 41 -14.61 0.30 10.88
CA ASN A 41 -13.29 0.67 11.42
C ASN A 41 -12.26 0.79 10.29
N LYS A 42 -12.53 1.71 9.37
CA LYS A 42 -11.76 1.79 8.14
C LYS A 42 -10.37 2.40 8.34
N GLU A 43 -10.12 3.12 9.44
CA GLU A 43 -8.86 3.84 9.62
C GLU A 43 -7.64 2.94 9.63
N ILE A 44 -7.82 1.63 9.80
CA ILE A 44 -6.67 0.74 9.85
C ILE A 44 -5.87 0.72 8.54
N PHE A 45 -6.45 1.18 7.42
CA PHE A 45 -5.70 1.19 6.16
C PHE A 45 -4.40 1.97 6.35
N LEU A 46 -4.44 3.05 7.13
CA LEU A 46 -3.26 3.93 7.19
C LEU A 46 -2.14 3.29 8.00
N ARG A 47 -2.49 2.58 9.08
CA ARG A 47 -1.52 1.80 9.84
C ARG A 47 -0.81 0.79 8.96
N GLU A 48 -1.57 0.10 8.10
CA GLU A 48 -0.98 -0.97 7.29
C GLU A 48 -0.02 -0.41 6.25
N LEU A 49 -0.36 0.73 5.65
CA LEU A 49 0.53 1.34 4.65
C LEU A 49 1.79 1.90 5.29
N ILE A 50 1.67 2.55 6.45
CA ILE A 50 2.85 3.01 7.17
C ILE A 50 3.74 1.84 7.57
N SER A 51 3.13 0.76 8.04
CA SER A 51 3.91 -0.43 8.38
CA SER A 51 3.92 -0.42 8.38
C SER A 51 4.70 -0.96 7.17
N ASN A 52 4.05 -1.00 6.02
CA ASN A 52 4.72 -1.41 4.80
C ASN A 52 5.89 -0.51 4.46
N SER A 53 5.71 0.80 4.60
CA SER A 53 6.79 1.75 4.35
C SER A 53 7.96 1.54 5.31
N SER A 54 7.65 1.34 6.59
CA SER A 54 8.68 1.08 7.59
C SER A 54 9.49 -0.17 7.25
N ASP A 55 8.80 -1.25 6.86
CA ASP A 55 9.50 -2.45 6.43
C ASP A 55 10.39 -2.18 5.20
N ALA A 56 9.90 -1.37 4.25
CA ALA A 56 10.71 -1.08 3.06
C ALA A 56 11.94 -0.27 3.40
N LEU A 57 11.81 0.65 4.36
CA LEU A 57 12.96 1.42 4.82
C LEU A 57 13.97 0.54 5.56
N ASP A 58 13.47 -0.36 6.42
CA ASP A 58 14.36 -1.35 7.05
C ASP A 58 15.20 -2.09 6.02
N LYS A 59 14.60 -2.50 4.91
CA LYS A 59 15.27 -3.36 3.95
C LYS A 59 16.41 -2.62 3.24
N ILE A 60 16.19 -1.37 2.85
CA ILE A 60 17.27 -0.64 2.19
C ILE A 60 18.33 -0.24 3.20
N ARG A 61 17.92 0.09 4.43
CA ARG A 61 18.90 0.34 5.48
C ARG A 61 19.83 -0.87 5.65
N TYR A 62 19.24 -2.07 5.71
N TYR A 62 19.26 -2.06 5.67
CA TYR A 62 20.03 -3.28 5.92
CA TYR A 62 20.09 -3.23 5.94
C TYR A 62 21.00 -3.50 4.76
C TYR A 62 21.01 -3.52 4.76
N GLU A 63 20.49 -3.42 3.54
CA GLU A 63 21.33 -3.63 2.36
C GLU A 63 22.48 -2.64 2.31
N SER A 64 22.26 -1.42 2.79
CA SER A 64 23.30 -0.39 2.70
C SER A 64 24.44 -0.64 3.67
N LEU A 65 24.28 -1.56 4.62
CA LEU A 65 25.35 -1.84 5.58
C LEU A 65 26.53 -2.50 4.90
N THR A 66 26.26 -3.41 3.95
CA THR A 66 27.31 -4.10 3.23
C THR A 66 27.62 -3.47 1.88
N ASP A 67 26.74 -2.60 1.36
CA ASP A 67 27.02 -1.88 0.14
C ASP A 67 26.45 -0.46 0.31
N PRO A 68 27.26 0.46 0.83
CA PRO A 68 26.74 1.83 1.03
C PRO A 68 26.35 2.54 -0.25
N SER A 69 26.81 2.07 -1.41
CA SER A 69 26.43 2.70 -2.68
C SER A 69 24.93 2.58 -2.95
N LYS A 70 24.24 1.66 -2.27
CA LYS A 70 22.80 1.54 -2.41
C LYS A 70 22.06 2.82 -2.05
N LEU A 71 22.68 3.69 -1.25
CA LEU A 71 22.08 4.96 -0.85
C LEU A 71 22.50 6.11 -1.76
N ASP A 72 23.23 5.83 -2.83
CA ASP A 72 23.53 6.87 -3.83
C ASP A 72 22.26 7.53 -4.34
N SER A 73 21.16 6.77 -4.45
CA SER A 73 19.90 7.28 -4.97
C SER A 73 19.09 8.03 -3.92
N GLY A 74 19.68 8.31 -2.76
CA GLY A 74 19.01 9.04 -1.70
C GLY A 74 19.36 8.53 -0.31
N LYS A 75 20.01 9.36 0.51
CA LYS A 75 20.41 8.92 1.83
C LYS A 75 19.34 9.13 2.90
N GLU A 76 18.31 9.93 2.65
CA GLU A 76 17.30 10.21 3.66
C GLU A 76 16.25 9.10 3.67
N LEU A 77 15.91 8.64 4.87
CA LEU A 77 15.00 7.52 5.08
C LEU A 77 13.81 8.05 5.88
N HIS A 78 12.69 8.27 5.21
CA HIS A 78 11.58 8.93 5.89
C HIS A 78 10.26 8.57 5.21
N ILE A 79 9.19 8.99 5.85
CA ILE A 79 7.83 8.76 5.37
C ILE A 79 7.09 10.10 5.36
N ASN A 80 6.48 10.43 4.22
CA ASN A 80 5.70 11.67 4.12
C ASN A 80 4.25 11.34 3.84
N LEU A 81 3.35 12.09 4.46
CA LEU A 81 1.91 11.95 4.26
C LEU A 81 1.40 13.26 3.68
N ILE A 82 0.80 13.19 2.49
CA ILE A 82 0.41 14.38 1.75
C ILE A 82 -1.07 14.33 1.41
N PRO A 83 -1.94 15.00 2.17
CA PRO A 83 -3.33 15.14 1.75
C PRO A 83 -3.49 16.22 0.70
N ASN A 84 -4.45 16.00 -0.21
CA ASN A 84 -4.80 16.99 -1.22
C ASN A 84 -6.31 17.04 -1.36
N LYS A 85 -6.93 18.08 -0.80
CA LYS A 85 -8.38 18.21 -0.86
C LYS A 85 -8.87 18.48 -2.28
N GLN A 86 -8.09 19.19 -3.10
CA GLN A 86 -8.55 19.54 -4.43
C GLN A 86 -8.72 18.28 -5.29
N ASP A 87 -7.72 17.40 -5.30
CA ASP A 87 -7.85 16.14 -6.03
C ASP A 87 -8.49 15.02 -5.22
N ARG A 88 -8.71 15.21 -3.92
CA ARG A 88 -9.28 14.18 -3.06
C ARG A 88 -8.37 12.94 -3.04
N THR A 89 -7.07 13.18 -2.90
CA THR A 89 -6.09 12.11 -2.79
C THR A 89 -5.35 12.22 -1.46
N LEU A 90 -4.94 11.06 -0.95
CA LEU A 90 -3.97 10.95 0.14
C LEU A 90 -2.79 10.15 -0.40
N THR A 91 -1.60 10.72 -0.31
CA THR A 91 -0.38 10.14 -0.84
C THR A 91 0.51 9.77 0.33
N ILE A 92 1.02 8.54 0.31
CA ILE A 92 1.99 8.07 1.31
C ILE A 92 3.28 7.83 0.55
N VAL A 93 4.33 8.59 0.89
CA VAL A 93 5.63 8.50 0.24
C VAL A 93 6.65 7.94 1.20
N ASP A 94 7.43 6.96 0.76
CA ASP A 94 8.60 6.52 1.51
C ASP A 94 9.81 6.50 0.57
N THR A 95 11.00 6.53 1.17
CA THR A 95 12.25 6.37 0.44
C THR A 95 12.87 5.00 0.71
N GLY A 96 12.02 3.97 0.81
CA GLY A 96 12.49 2.63 1.05
C GLY A 96 13.02 1.96 -0.19
N ILE A 97 13.03 0.63 -0.17
CA ILE A 97 13.75 -0.12 -1.18
C ILE A 97 13.03 -0.09 -2.54
N GLY A 98 11.72 0.06 -2.56
CA GLY A 98 10.98 0.06 -3.81
C GLY A 98 10.78 -1.35 -4.39
N MET A 99 10.11 -1.37 -5.55
CA MET A 99 9.62 -2.59 -6.17
C MET A 99 10.10 -2.63 -7.62
N THR A 100 10.56 -3.81 -8.05
CA THR A 100 10.93 -4.04 -9.43
C THR A 100 9.68 -4.34 -10.25
N LYS A 101 9.83 -4.38 -11.57
CA LYS A 101 8.69 -4.75 -12.41
C LYS A 101 8.20 -6.15 -12.08
N ALA A 102 9.12 -7.09 -11.83
CA ALA A 102 8.73 -8.46 -11.53
C ALA A 102 7.97 -8.56 -10.21
N ASP A 103 8.32 -7.72 -9.23
CA ASP A 103 7.53 -7.62 -8.01
C ASP A 103 6.09 -7.23 -8.33
N LEU A 104 5.93 -6.17 -9.12
CA LEU A 104 4.60 -5.62 -9.39
C LEU A 104 3.73 -6.60 -10.16
N ILE A 105 4.32 -7.32 -11.10
CA ILE A 105 3.52 -8.16 -11.98
C ILE A 105 3.31 -9.54 -11.40
N ASN A 106 4.34 -10.17 -10.84
CA ASN A 106 4.22 -11.57 -10.44
CA ASN A 106 4.25 -11.58 -10.46
C ASN A 106 4.49 -11.82 -8.98
N ASN A 107 5.56 -11.27 -8.40
CA ASN A 107 6.06 -11.80 -7.14
CA ASN A 107 6.06 -11.80 -7.14
C ASN A 107 5.13 -11.49 -5.98
N LEU A 108 4.60 -10.26 -5.92
CA LEU A 108 3.78 -9.89 -4.77
C LEU A 108 2.46 -10.66 -4.77
N GLY A 109 1.88 -10.90 -5.95
CA GLY A 109 0.67 -11.70 -6.01
C GLY A 109 0.92 -13.15 -5.67
N THR A 110 2.07 -13.70 -6.10
CA THR A 110 2.35 -15.09 -5.82
C THR A 110 2.56 -15.33 -4.33
N ILE A 111 3.34 -14.47 -3.67
CA ILE A 111 3.61 -14.74 -2.26
CA ILE A 111 3.63 -14.73 -2.27
C ILE A 111 2.37 -14.52 -1.43
N ALA A 112 1.46 -13.65 -1.89
N ALA A 112 1.46 -13.65 -1.89
CA ALA A 112 0.25 -13.32 -1.13
CA ALA A 112 0.26 -13.33 -1.13
C ALA A 112 -0.80 -14.43 -1.20
C ALA A 112 -0.81 -14.42 -1.21
N LYS A 113 -0.67 -15.39 -2.11
CA LYS A 113 -1.71 -16.40 -2.30
C LYS A 113 -2.01 -17.13 -0.99
N SER A 114 -0.98 -17.60 -0.30
N SER A 114 -0.97 -17.56 -0.31
CA SER A 114 -1.22 -18.41 0.90
CA SER A 114 -1.12 -18.37 0.90
C SER A 114 -1.88 -17.60 2.00
C SER A 114 -1.80 -17.59 2.02
N GLY A 115 -1.35 -16.42 2.30
N GLY A 115 -1.34 -16.36 2.27
CA GLY A 115 -1.93 -15.60 3.34
CA GLY A 115 -1.92 -15.57 3.35
C GLY A 115 -3.34 -15.13 3.02
C GLY A 115 -3.30 -15.06 3.02
N THR A 116 -3.59 -14.81 1.75
CA THR A 116 -4.93 -14.44 1.33
C THR A 116 -5.93 -15.55 1.63
N LYS A 117 -5.63 -16.77 1.23
CA LYS A 117 -6.52 -17.89 1.53
C LYS A 117 -6.65 -18.10 3.03
N ALA A 118 -5.56 -17.97 3.78
CA ALA A 118 -5.63 -18.09 5.24
C ALA A 118 -6.51 -17.01 5.85
N PHE A 119 -6.38 -15.78 5.36
CA PHE A 119 -7.16 -14.67 5.89
C PHE A 119 -8.65 -14.89 5.64
N MET A 120 -9.00 -15.30 4.43
CA MET A 120 -10.41 -15.52 4.11
C MET A 120 -10.98 -16.66 4.94
N GLU A 121 -10.16 -17.67 5.25
N GLU A 121 -10.15 -17.65 5.29
CA GLU A 121 -10.59 -18.71 6.19
CA GLU A 121 -10.57 -18.68 6.24
C GLU A 121 -10.87 -18.11 7.57
C GLU A 121 -10.77 -18.08 7.62
N ALA A 122 -9.90 -17.37 8.11
N ALA A 122 -9.73 -17.42 8.15
CA ALA A 122 -10.07 -16.78 9.43
CA ALA A 122 -9.80 -16.84 9.48
C ALA A 122 -11.32 -15.92 9.49
C ALA A 122 -11.09 -16.05 9.67
N LEU A 123 -11.54 -15.10 8.46
N LEU A 123 -11.49 -15.27 8.65
CA LEU A 123 -12.69 -14.19 8.47
CA LEU A 123 -12.74 -14.52 8.74
C LEU A 123 -14.00 -14.94 8.68
C LEU A 123 -13.94 -15.44 8.96
N GLN A 124 -14.17 -16.07 7.97
N GLN A 124 -13.78 -16.75 8.71
CA GLN A 124 -15.35 -16.88 8.17
CA GLN A 124 -14.79 -17.73 9.07
C GLN A 124 -15.37 -17.50 9.57
C GLN A 124 -14.54 -18.28 10.48
N ALA A 125 -14.19 -17.81 10.11
N ALA A 125 -13.29 -18.63 10.78
CA ALA A 125 -14.13 -18.44 11.41
CA ALA A 125 -12.98 -19.27 12.05
C ALA A 125 -14.42 -17.48 12.55
C ALA A 125 -13.23 -18.34 13.22
N GLY A 126 -14.18 -16.18 12.34
N GLY A 126 -12.76 -17.10 13.11
CA GLY A 126 -14.43 -15.22 13.40
CA GLY A 126 -12.98 -16.10 14.15
C GLY A 126 -13.53 -14.00 13.37
C GLY A 126 -12.01 -14.95 14.05
N ALA A 127 -12.41 -14.08 12.67
N ALA A 127 -12.26 -14.04 13.10
CA ALA A 127 -11.53 -12.93 12.57
CA ALA A 127 -11.32 -12.96 12.88
C ALA A 127 -12.29 -11.75 11.96
C ALA A 127 -12.02 -11.75 12.29
N ASP A 128 -11.73 -10.56 12.14
N ASP A 128 -11.37 -10.61 12.48
CA ASP A 128 -12.27 -9.34 11.56
CA ASP A 128 -11.83 -9.30 12.06
C ASP A 128 -11.19 -8.75 10.65
C ASP A 128 -10.93 -8.79 10.94
N ILE A 129 -11.58 -7.74 9.88
N ILE A 129 -11.47 -7.92 10.08
CA ILE A 129 -10.72 -7.21 8.84
CA ILE A 129 -10.69 -7.41 8.96
C ILE A 129 -9.48 -6.54 9.40
C ILE A 129 -9.43 -6.71 9.46
N SER A 130 -9.45 -6.22 10.69
CA SER A 130 -8.32 -5.46 11.21
C SER A 130 -7.10 -6.35 11.44
N MET A 131 -7.26 -7.66 11.36
CA MET A 131 -6.13 -8.58 11.45
C MET A 131 -5.48 -8.83 10.09
N ILE A 132 -5.88 -8.07 9.06
CA ILE A 132 -5.39 -8.33 7.70
C ILE A 132 -3.87 -8.29 7.64
N GLY A 133 -3.25 -7.38 8.38
CA GLY A 133 -1.81 -7.25 8.35
C GLY A 133 -1.06 -8.47 8.86
N GLN A 134 -1.67 -9.23 9.77
CA GLN A 134 -1.03 -10.44 10.28
C GLN A 134 -0.89 -11.51 9.21
N PHE A 135 -1.55 -11.37 8.07
CA PHE A 135 -1.47 -12.36 7.00
C PHE A 135 -0.65 -11.87 5.83
N GLY A 136 -0.03 -10.71 5.95
CA GLY A 136 0.86 -10.18 4.92
C GLY A 136 0.18 -9.53 3.75
N VAL A 137 -1.10 -9.16 3.86
CA VAL A 137 -1.80 -8.60 2.71
C VAL A 137 -2.44 -7.28 3.10
N GLY A 138 -1.80 -6.57 4.03
CA GLY A 138 -2.36 -5.32 4.52
C GLY A 138 -2.54 -4.26 3.47
N PHE A 139 -1.71 -4.31 2.41
CA PHE A 139 -1.83 -3.30 1.37
C PHE A 139 -3.29 -3.17 0.87
N TYR A 140 -3.98 -4.29 0.70
N TYR A 140 -3.98 -4.29 0.70
CA TYR A 140 -5.28 -4.27 0.04
CA TYR A 140 -5.28 -4.26 0.03
C TYR A 140 -6.36 -3.63 0.89
C TYR A 140 -6.38 -3.65 0.90
N SER A 141 -6.10 -3.38 2.19
CA SER A 141 -7.01 -2.59 3.00
C SER A 141 -7.19 -1.17 2.48
N ALA A 142 -6.31 -0.73 1.59
CA ALA A 142 -6.48 0.58 0.95
C ALA A 142 -7.85 0.70 0.28
N TYR A 143 -8.37 -0.40 -0.23
CA TYR A 143 -9.66 -0.36 -0.92
C TYR A 143 -10.85 -0.27 0.03
N LEU A 144 -10.62 -0.23 1.34
CA LEU A 144 -11.68 0.19 2.23
C LEU A 144 -12.06 1.64 1.99
N VAL A 145 -11.10 2.50 1.65
CA VAL A 145 -11.36 3.93 1.53
C VAL A 145 -11.15 4.49 0.13
N ALA A 146 -10.50 3.77 -0.76
CA ALA A 146 -10.14 4.30 -2.07
C ALA A 146 -10.88 3.59 -3.19
N GLU A 147 -11.34 4.36 -4.18
N GLU A 147 -11.35 4.38 -4.17
CA GLU A 147 -11.92 3.74 -5.36
CA GLU A 147 -11.91 3.81 -5.39
C GLU A 147 -10.85 3.35 -6.39
C GLU A 147 -10.81 3.28 -6.30
N LYS A 148 -9.65 3.91 -6.27
CA LYS A 148 -8.57 3.65 -7.20
C LYS A 148 -7.28 3.88 -6.42
N VAL A 149 -6.28 3.06 -6.66
CA VAL A 149 -4.97 3.23 -6.06
C VAL A 149 -3.94 3.29 -7.18
N THR A 150 -3.07 4.29 -7.13
CA THR A 150 -1.92 4.42 -8.02
C THR A 150 -0.66 4.27 -7.19
N VAL A 151 0.27 3.43 -7.66
CA VAL A 151 1.52 3.19 -6.96
C VAL A 151 2.66 3.53 -7.92
N ILE A 152 3.48 4.52 -7.54
CA ILE A 152 4.67 4.90 -8.30
C ILE A 152 5.86 4.40 -7.50
N THR A 153 6.77 3.67 -8.16
CA THR A 153 7.83 3.05 -7.38
C THR A 153 9.12 2.99 -8.19
N LYS A 154 10.26 3.08 -7.49
CA LYS A 154 11.56 3.02 -8.14
C LYS A 154 12.51 2.24 -7.22
N HIS A 155 13.01 1.13 -7.73
CA HIS A 155 14.03 0.28 -7.12
C HIS A 155 15.37 0.58 -7.78
N ASN A 156 16.45 0.46 -7.02
CA ASN A 156 17.80 0.73 -7.57
C ASN A 156 18.06 -0.06 -8.84
N ASP A 157 17.59 -1.30 -8.91
CA ASP A 157 17.93 -2.20 -10.00
C ASP A 157 16.99 -2.11 -11.19
N ASP A 158 16.04 -1.17 -11.21
CA ASP A 158 15.03 -1.16 -12.26
C ASP A 158 14.63 0.27 -12.58
N GLU A 159 13.63 0.39 -13.46
CA GLU A 159 13.12 1.67 -13.92
C GLU A 159 12.00 2.15 -13.01
N GLN A 160 11.54 3.38 -13.26
CA GLN A 160 10.42 3.92 -12.48
C GLN A 160 9.11 3.45 -13.13
N TYR A 161 8.24 2.83 -12.34
CA TYR A 161 6.97 2.28 -12.83
C TYR A 161 5.77 2.87 -12.11
N ALA A 162 4.63 2.89 -12.81
CA ALA A 162 3.35 3.23 -12.24
C ALA A 162 2.42 2.02 -12.36
N TRP A 163 1.91 1.58 -11.22
CA TRP A 163 0.89 0.54 -11.09
C TRP A 163 -0.43 1.17 -10.73
N GLU A 164 -1.52 0.68 -11.32
CA GLU A 164 -2.81 1.26 -11.02
C GLU A 164 -3.88 0.19 -11.04
N SER A 165 -4.84 0.30 -10.12
CA SER A 165 -6.01 -0.55 -10.18
C SER A 165 -7.20 0.09 -9.49
N SER A 166 -8.35 -0.03 -10.13
N SER A 166 -8.36 0.00 -10.13
CA SER A 166 -9.65 0.31 -9.56
CA SER A 166 -9.65 0.32 -9.52
C SER A 166 -10.41 -0.94 -9.14
C SER A 166 -10.41 -0.93 -9.12
N ALA A 167 -9.69 -2.02 -8.84
CA ALA A 167 -10.28 -3.32 -8.55
C ALA A 167 -10.92 -3.82 -9.84
N GLY A 168 -12.03 -4.51 -9.74
CA GLY A 168 -12.62 -5.02 -10.96
C GLY A 168 -11.80 -6.08 -11.67
N GLY A 169 -10.78 -6.63 -11.03
CA GLY A 169 -10.11 -7.83 -11.51
C GLY A 169 -8.83 -7.61 -12.29
N SER A 170 -8.43 -6.37 -12.58
CA SER A 170 -7.21 -6.16 -13.34
C SER A 170 -6.41 -4.99 -12.78
N PHE A 171 -5.16 -4.92 -13.20
CA PHE A 171 -4.27 -3.82 -12.85
C PHE A 171 -3.44 -3.50 -14.08
N THR A 172 -2.92 -2.27 -14.14
CA THR A 172 -2.04 -1.86 -15.23
C THR A 172 -0.66 -1.52 -14.68
N VAL A 173 0.35 -1.69 -15.55
CA VAL A 173 1.71 -1.25 -15.29
C VAL A 173 2.23 -0.51 -16.51
N ARG A 174 2.85 0.65 -16.27
CA ARG A 174 3.51 1.42 -17.32
CA ARG A 174 3.51 1.42 -17.32
CA ARG A 174 3.49 1.45 -17.30
C ARG A 174 4.80 1.96 -16.74
N THR A 175 5.73 2.28 -17.63
CA THR A 175 6.91 3.03 -17.22
C THR A 175 6.44 4.45 -16.93
N ASP A 176 6.79 4.98 -15.76
CA ASP A 176 6.37 6.33 -15.38
C ASP A 176 7.20 7.40 -16.06
N THR A 177 6.52 8.41 -16.59
CA THR A 177 7.20 9.57 -17.18
C THR A 177 7.10 10.83 -16.32
N GLY A 178 6.37 10.80 -15.22
CA GLY A 178 6.33 11.92 -14.30
C GLY A 178 7.67 12.28 -13.69
N GLU A 179 7.65 13.02 -12.59
CA GLU A 179 8.88 13.48 -11.98
C GLU A 179 9.67 12.30 -11.41
N PRO A 180 10.97 12.21 -11.67
N PRO A 180 10.99 12.26 -11.61
CA PRO A 180 11.78 11.16 -11.04
CA PRO A 180 11.79 11.17 -11.03
C PRO A 180 11.69 11.18 -9.52
C PRO A 180 11.71 11.19 -9.50
N MET A 181 11.92 10.01 -8.91
CA MET A 181 11.87 9.86 -7.47
C MET A 181 13.18 9.53 -6.80
N GLY A 182 14.19 9.12 -7.54
CA GLY A 182 15.39 8.63 -6.88
C GLY A 182 15.24 7.19 -6.43
N ARG A 183 14.45 6.95 -5.37
CA ARG A 183 14.21 5.60 -4.88
C ARG A 183 13.04 5.62 -3.91
N GLY A 184 12.18 4.59 -3.99
CA GLY A 184 11.16 4.41 -3.00
C GLY A 184 9.81 4.19 -3.63
N THR A 185 8.76 4.49 -2.87
CA THR A 185 7.41 4.18 -3.28
C THR A 185 6.45 5.27 -2.87
N LYS A 186 5.55 5.58 -3.77
CA LYS A 186 4.49 6.58 -3.60
C LYS A 186 3.16 5.86 -3.83
N VAL A 187 2.34 5.76 -2.79
CA VAL A 187 1.01 5.18 -2.87
C VAL A 187 0.01 6.32 -2.84
N ILE A 188 -0.76 6.46 -3.90
CA ILE A 188 -1.69 7.57 -4.09
C ILE A 188 -3.09 6.97 -3.98
N LEU A 189 -3.81 7.32 -2.92
CA LEU A 189 -5.16 6.83 -2.69
C LEU A 189 -6.16 7.84 -3.24
N HIS A 190 -6.94 7.42 -4.24
CA HIS A 190 -8.05 8.23 -4.77
C HIS A 190 -9.27 7.90 -3.94
N LEU A 191 -9.63 8.80 -3.03
CA LEU A 191 -10.56 8.46 -1.96
C LEU A 191 -12.01 8.47 -2.46
N LYS A 192 -12.80 7.54 -1.94
CA LYS A 192 -14.24 7.55 -2.17
C LYS A 192 -14.84 8.85 -1.64
N GLU A 193 -15.95 9.28 -2.24
CA GLU A 193 -16.58 10.55 -1.86
C GLU A 193 -16.92 10.62 -0.38
N ASP A 194 -17.27 9.51 0.27
CA ASP A 194 -17.71 9.57 1.66
C ASP A 194 -16.57 9.29 2.63
N GLN A 195 -15.33 9.27 2.15
CA GLN A 195 -14.18 8.99 3.01
C GLN A 195 -13.22 10.18 3.09
N THR A 196 -13.72 11.40 2.93
N THR A 196 -13.73 11.40 2.94
CA THR A 196 -12.85 12.57 2.93
CA THR A 196 -12.84 12.56 2.93
C THR A 196 -12.35 12.95 4.31
C THR A 196 -12.32 12.93 4.31
N GLU A 197 -12.79 12.29 5.38
CA GLU A 197 -12.25 12.61 6.70
C GLU A 197 -10.75 12.31 6.78
N TYR A 198 -10.25 11.39 5.95
CA TYR A 198 -8.84 11.05 5.95
C TYR A 198 -7.98 12.09 5.25
N LEU A 199 -8.58 13.21 4.82
CA LEU A 199 -7.83 14.35 4.34
C LEU A 199 -7.65 15.40 5.43
N GLU A 200 -8.28 15.22 6.59
CA GLU A 200 -8.22 16.22 7.65
C GLU A 200 -6.98 15.99 8.51
N GLU A 201 -6.26 17.09 8.77
CA GLU A 201 -5.05 17.04 9.59
C GLU A 201 -5.31 16.36 10.92
N ARG A 202 -6.36 16.80 11.63
CA ARG A 202 -6.62 16.31 12.97
C ARG A 202 -6.89 14.82 12.95
N ARG A 203 -7.54 14.33 11.90
CA ARG A 203 -7.89 12.92 11.82
C ARG A 203 -6.67 12.06 11.51
N ILE A 204 -5.80 12.53 10.61
CA ILE A 204 -4.58 11.80 10.31
C ILE A 204 -3.68 11.73 11.54
N LYS A 205 -3.57 12.84 12.28
CA LYS A 205 -2.75 12.82 13.47
C LYS A 205 -3.28 11.83 14.50
N GLU A 206 -4.59 11.83 14.69
CA GLU A 206 -5.20 10.87 15.62
C GLU A 206 -4.84 9.44 15.26
N ILE A 207 -4.89 9.10 13.98
CA ILE A 207 -4.64 7.73 13.57
C ILE A 207 -3.17 7.36 13.76
N VAL A 208 -2.27 8.25 13.38
CA VAL A 208 -0.84 7.96 13.51
C VAL A 208 -0.47 7.79 14.98
N LYS A 209 -1.00 8.64 15.86
CA LYS A 209 -0.65 8.55 17.27
C LYS A 209 -1.19 7.27 17.89
N LYS A 210 -2.33 6.80 17.41
CA LYS A 210 -2.99 5.62 17.98
C LYS A 210 -2.35 4.33 17.49
N HIS A 211 -2.01 4.27 16.22
CA HIS A 211 -1.61 3.01 15.60
C HIS A 211 -0.14 2.95 15.23
N SER A 212 0.57 4.06 15.25
CA SER A 212 1.88 4.11 14.60
C SER A 212 2.92 4.82 15.47
N GLN A 213 2.71 4.89 16.78
CA GLN A 213 3.58 5.73 17.60
C GLN A 213 5.02 5.23 17.66
N PHE A 214 5.28 3.95 17.38
CA PHE A 214 6.59 3.34 17.59
C PHE A 214 7.31 2.99 16.28
N ILE A 215 6.95 3.64 15.18
CA ILE A 215 7.69 3.55 13.93
C ILE A 215 9.02 4.29 14.06
N GLY A 216 10.07 3.70 13.49
CA GLY A 216 11.42 4.20 13.71
C GLY A 216 12.01 5.14 12.68
N TYR A 217 11.16 5.77 11.88
CA TYR A 217 11.54 6.71 10.83
C TYR A 217 10.69 7.95 11.01
N PRO A 218 11.17 9.13 10.65
CA PRO A 218 10.33 10.32 10.80
C PRO A 218 9.16 10.28 9.82
N ILE A 219 7.98 10.61 10.35
CA ILE A 219 6.75 10.71 9.58
C ILE A 219 6.39 12.19 9.54
N THR A 220 6.35 12.78 8.35
CA THR A 220 6.00 14.19 8.20
C THR A 220 4.63 14.29 7.54
N LEU A 221 3.72 15.00 8.19
CA LEU A 221 2.41 15.26 7.65
C LEU A 221 2.44 16.63 7.00
N PHE A 222 2.27 16.67 5.68
CA PHE A 222 2.24 17.96 5.01
C PHE A 222 0.92 18.64 5.30
N VAL A 223 0.95 19.97 5.35
CA VAL A 223 -0.21 20.83 5.56
C VAL A 223 -0.65 21.35 4.20
N GLU A 224 -1.94 21.55 4.05
N GLU A 224 -1.95 21.53 4.04
CA GLU A 224 -2.45 22.09 2.80
CA GLU A 224 -2.47 22.06 2.79
C GLU A 224 -2.50 23.60 2.81
C GLU A 224 -2.47 23.59 2.82
N LYS A 225 -2.17 24.17 1.65
CA LYS A 225 -2.19 25.60 1.41
C LYS A 225 -3.65 26.01 1.19
N GLU A 226 -4.23 26.75 2.13
CA GLU A 226 -5.64 27.10 2.04
C GLU A 226 -6.02 28.14 3.09
CL 7PP B . 9.06 -2.10 -1.15
C1 7PP B . 7.36 -1.93 -0.72
N5 7PP B . 7.20 -0.65 -0.30
C21 7PP B . 5.91 -0.26 0.03
N4 7PP B . 5.68 1.05 0.52
N3 7PP B . 4.87 -1.11 -0.04
C20 7PP B . 5.09 -2.34 -0.45
C2 7PP B . 6.33 -2.73 -0.78
N1 7PP B . 4.27 -3.39 -0.64
C11 7PP B . 2.84 -3.47 -0.42
C12 7PP B . 2.16 -3.71 -1.76
C18 7PP B . 1.99 -2.80 -2.80
C19 7PP B . 2.52 -1.37 -2.68
C16 7PP B . 1.34 -3.19 -3.97
O2 7PP B . 1.11 -2.32 -5.05
C17 7PP B . 1.99 -2.48 -6.15
C14 7PP B . 0.87 -4.46 -4.06
C15 7PP B . 0.15 -4.93 -5.30
C13 7PP B . 1.05 -5.35 -3.01
N2 7PP B . 1.69 -4.95 -1.90
C10 7PP B . 4.99 -4.46 -1.07
C3 7PP B . 6.30 -4.04 -1.18
C4 7PP B . 7.42 -4.95 -1.67
C5 7PP B . 8.29 -5.68 -2.04
C6 7PP B . 9.41 -6.66 -2.48
C7 7PP B . 10.40 -6.84 -1.31
C9 7PP B . 11.15 -5.54 -1.08
C8 7PP B . 11.40 -7.95 -1.59
O1 7PP B . 9.69 -7.16 -0.15
HN4 7PP B . 4.89 1.39 0.48
HN4A 7PP B . 6.32 1.50 0.89
H11 7PP B . 2.53 -2.63 -0.05
H11A 7PP B . 2.65 -4.19 0.19
H19 7PP B . 2.96 -1.25 -1.82
H19A 7PP B . 1.77 -0.75 -2.75
H19B 7PP B . 3.15 -1.19 -3.39
H17 7PP B . 2.63 -3.17 -5.96
H17A 7PP B . 2.44 -1.65 -6.32
H17B 7PP B . 1.47 -2.74 -6.93
H15 7PP B . -0.42 -5.69 -5.07
H15A 7PP B . 0.80 -5.21 -5.96
H15B 7PP B . -0.41 -4.22 -5.65
H13 7PP B . 0.72 -6.22 -3.08
H10 7PP B . 4.67 -5.31 -1.27
H6 7PP B . 9.87 -6.29 -3.25
H6A 7PP B . 9.02 -7.51 -2.71
H9 7PP B . 11.25 -5.39 -0.12
H9A 7PP B . 10.64 -4.81 -1.46
H9B 7PP B . 12.02 -5.59 -1.50
H8 7PP B . 12.13 -7.90 -0.95
H8A 7PP B . 11.76 -7.85 -2.49
H8B 7PP B . 10.96 -8.82 -1.52
HO1 7PP B . 9.50 -6.46 0.28
#